data_5U88
#
_entry.id   5U88
#
_cell.length_a   38.467
_cell.length_b   88.789
_cell.length_c   54.734
_cell.angle_alpha   90.000
_cell.angle_beta   97.870
_cell.angle_gamma   90.000
#
_symmetry.space_group_name_H-M   'P 1 21 1'
#
loop_
_entity.id
_entity.type
_entity.pdbx_description
1 polymer 'Alkylmercury lyase'
2 non-polymer 'Trimethyllead bromide'
3 non-polymer 'ACETATE ION'
4 water water
#
_entity_poly.entity_id   1
_entity_poly.type   'polypeptide(L)'
_entity_poly.pdbx_seq_one_letter_code
;MKLAPYILELLTSVNRTNGTADLLVPLLRELAKGRPVSRTTLAGILDWPAERVAAVLEQATSTEYDKDGNIIGYGLTLRE
TSYVFEIDDRRLYAWCALDTLIFPALIGRTARVSSHCAATGAPVSLTVSPSEIQAVEPAGMAVSLVLPQEAADVRQSFCC
HVHFFASVPTAEDWASKHQGLEGLAIVSVHEAFGLGQEFNRHLLQTMSSRTP
;
_entity_poly.pdbx_strand_id   A,B
#
# COMPACT_ATOMS: atom_id res chain seq x y z
N MET A 1 14.17 -23.83 -8.78
CA MET A 1 12.82 -24.04 -8.20
C MET A 1 11.77 -24.14 -9.31
N LYS A 2 10.93 -25.18 -9.27
CA LYS A 2 9.84 -25.27 -10.24
C LYS A 2 8.80 -24.24 -9.88
N LEU A 3 8.51 -23.39 -10.84
CA LEU A 3 7.61 -22.30 -10.55
C LEU A 3 6.17 -22.55 -11.02
N ALA A 4 5.85 -23.78 -11.47
CA ALA A 4 4.49 -24.03 -11.99
C ALA A 4 3.35 -23.67 -11.02
N PRO A 5 3.54 -23.91 -9.70
CA PRO A 5 2.45 -23.53 -8.79
C PRO A 5 2.15 -22.05 -8.83
N TYR A 6 3.18 -21.23 -8.93
CA TYR A 6 2.97 -19.77 -8.94
C TYR A 6 2.26 -19.31 -10.22
N ILE A 7 2.71 -19.85 -11.35
CA ILE A 7 2.15 -19.57 -12.65
C ILE A 7 0.70 -20.00 -12.65
N LEU A 8 0.46 -21.20 -12.13
CA LEU A 8 -0.86 -21.74 -12.09
C LEU A 8 -1.84 -20.90 -11.27
N GLU A 9 -1.48 -20.56 -10.05
CA GLU A 9 -2.37 -19.76 -9.21
C GLU A 9 -2.54 -18.32 -9.70
N LEU A 10 -1.51 -17.74 -10.32
CA LEU A 10 -1.67 -16.42 -10.93
C LEU A 10 -2.65 -16.44 -12.12
N LEU A 11 -2.52 -17.43 -13.00
CA LEU A 11 -3.45 -17.54 -14.12
C LEU A 11 -4.87 -17.75 -13.62
N THR A 12 -4.99 -18.59 -12.60
CA THR A 12 -6.29 -18.89 -12.03
C THR A 12 -6.89 -17.63 -11.44
N SER A 13 -6.07 -16.82 -10.79
CA SER A 13 -6.58 -15.62 -10.16
C SER A 13 -7.10 -14.65 -11.23
N VAL A 14 -6.45 -14.62 -12.38
CA VAL A 14 -6.92 -13.80 -13.49
C VAL A 14 -8.06 -14.43 -14.31
N ASN A 15 -8.12 -15.75 -14.39
CA ASN A 15 -9.20 -16.38 -15.17
C ASN A 15 -10.44 -16.70 -14.34
N ARG A 16 -10.39 -16.43 -13.05
CA ARG A 16 -11.47 -16.65 -12.09
C ARG A 16 -12.75 -15.91 -12.50
N THR A 17 -12.64 -14.59 -12.63
CA THR A 17 -13.75 -13.74 -13.02
C THR A 17 -13.66 -13.57 -14.51
N ASN A 18 -14.70 -13.99 -15.25
CA ASN A 18 -14.64 -13.96 -16.70
C ASN A 18 -14.44 -12.51 -17.18
N GLY A 19 -13.61 -12.34 -18.20
CA GLY A 19 -13.30 -11.02 -18.73
C GLY A 19 -12.02 -10.37 -18.22
N THR A 20 -11.60 -10.66 -16.99
CA THR A 20 -10.43 -10.00 -16.36
C THR A 20 -9.17 -10.05 -17.20
N ALA A 21 -8.82 -11.23 -17.68
CA ALA A 21 -7.71 -11.39 -18.60
C ALA A 21 -7.90 -10.54 -19.85
N ASP A 22 -9.15 -10.42 -20.30
CA ASP A 22 -9.42 -9.68 -21.53
C ASP A 22 -9.45 -8.16 -21.34
N LEU A 23 -9.61 -7.74 -20.10
CA LEU A 23 -9.58 -6.31 -19.81
C LEU A 23 -8.15 -5.86 -19.41
N LEU A 24 -7.32 -6.78 -18.91
CA LEU A 24 -6.01 -6.46 -18.33
C LEU A 24 -5.06 -5.76 -19.30
N VAL A 25 -4.79 -6.38 -20.43
CA VAL A 25 -3.77 -5.85 -21.32
C VAL A 25 -4.20 -4.48 -21.89
N PRO A 26 -5.45 -4.36 -22.36
CA PRO A 26 -5.87 -3.03 -22.81
C PRO A 26 -5.80 -1.96 -21.74
N LEU A 27 -6.23 -2.28 -20.52
CA LEU A 27 -6.11 -1.31 -19.44
C LEU A 27 -4.63 -0.98 -19.12
N LEU A 28 -3.75 -1.98 -19.09
CA LEU A 28 -2.33 -1.69 -18.82
C LEU A 28 -1.76 -0.77 -19.88
N ARG A 29 -2.11 -1.01 -21.14
CA ARG A 29 -1.63 -0.15 -22.22
C ARG A 29 -2.12 1.26 -22.04
N GLU A 30 -3.36 1.41 -21.58
CA GLU A 30 -3.90 2.75 -21.43
C GLU A 30 -3.27 3.47 -20.23
N LEU A 31 -3.24 2.82 -19.08
CA LEU A 31 -2.55 3.37 -17.91
C LEU A 31 -1.12 3.74 -18.21
N ALA A 32 -0.49 3.04 -19.15
CA ALA A 32 0.91 3.31 -19.50
C ALA A 32 1.11 4.72 -20.06
N LYS A 33 0.08 5.31 -20.67
CA LYS A 33 0.15 6.70 -21.12
C LYS A 33 0.30 7.69 -19.96
N GLY A 34 0.03 7.25 -18.74
CA GLY A 34 0.31 8.05 -17.56
C GLY A 34 -0.83 8.96 -17.09
N ARG A 35 -2.02 8.71 -17.61
CA ARG A 35 -3.21 9.50 -17.23
C ARG A 35 -4.30 8.58 -16.70
N PRO A 36 -5.18 9.10 -15.83
CA PRO A 36 -6.34 8.29 -15.42
C PRO A 36 -7.16 7.77 -16.63
N VAL A 37 -7.81 6.64 -16.42
CA VAL A 37 -8.57 5.95 -17.47
C VAL A 37 -10.00 5.81 -17.00
N SER A 38 -10.95 6.41 -17.72
CA SER A 38 -12.35 6.26 -17.35
C SER A 38 -12.91 4.91 -17.77
N ARG A 39 -13.88 4.44 -17.00
CA ARG A 39 -14.64 3.24 -17.32
C ARG A 39 -15.24 3.34 -18.69
N THR A 40 -15.69 4.54 -19.06
CA THR A 40 -16.31 4.74 -20.36
C THR A 40 -15.23 4.60 -21.46
N THR A 41 -14.07 5.15 -21.24
CA THR A 41 -12.97 4.99 -22.19
C THR A 41 -12.61 3.52 -22.37
N LEU A 42 -12.60 2.81 -21.26
CA LEU A 42 -12.22 1.41 -21.29
C LEU A 42 -13.25 0.59 -22.05
N ALA A 43 -14.53 0.85 -21.77
CA ALA A 43 -15.61 0.12 -22.41
C ALA A 43 -15.53 0.26 -23.93
N GLY A 44 -15.18 1.45 -24.40
CA GLY A 44 -15.07 1.67 -25.82
C GLY A 44 -13.89 0.94 -26.41
N ILE A 45 -12.79 0.91 -25.68
CA ILE A 45 -11.57 0.23 -26.12
C ILE A 45 -11.83 -1.27 -26.30
N LEU A 46 -12.55 -1.86 -25.35
CA LEU A 46 -12.86 -3.30 -25.37
C LEU A 46 -14.08 -3.61 -26.22
N ASP A 47 -14.80 -2.60 -26.66
CA ASP A 47 -16.13 -2.83 -27.24
C ASP A 47 -16.99 -3.71 -26.33
N TRP A 48 -17.05 -3.37 -25.04
CA TRP A 48 -17.97 -4.03 -24.10
C TRP A 48 -19.10 -3.11 -23.69
N PRO A 49 -20.22 -3.69 -23.21
CA PRO A 49 -21.21 -2.91 -22.47
C PRO A 49 -20.61 -2.39 -21.18
N ALA A 50 -21.05 -1.23 -20.71
CA ALA A 50 -20.52 -0.65 -19.47
C ALA A 50 -20.71 -1.61 -18.30
N GLU A 51 -21.82 -2.35 -18.30
CA GLU A 51 -22.12 -3.21 -17.16
C GLU A 51 -21.12 -4.35 -17.08
N ARG A 52 -20.54 -4.73 -18.23
CA ARG A 52 -19.57 -5.81 -18.25
C ARG A 52 -18.26 -5.31 -17.65
N VAL A 53 -17.81 -4.15 -18.09
CA VAL A 53 -16.63 -3.52 -17.51
C VAL A 53 -16.82 -3.37 -16.01
N ALA A 54 -17.98 -2.88 -15.57
CA ALA A 54 -18.20 -2.61 -14.16
C ALA A 54 -18.11 -3.89 -13.31
N ALA A 55 -18.76 -4.95 -13.78
CA ALA A 55 -18.75 -6.23 -13.08
C ALA A 55 -17.31 -6.76 -12.90
N VAL A 56 -16.51 -6.70 -13.95
CA VAL A 56 -15.14 -7.17 -13.82
C VAL A 56 -14.37 -6.30 -12.84
N LEU A 57 -14.55 -4.99 -12.92
CA LEU A 57 -13.82 -4.08 -12.04
C LEU A 57 -14.26 -4.25 -10.60
N GLU A 58 -15.55 -4.47 -10.38
CA GLU A 58 -16.06 -4.71 -9.03
C GLU A 58 -15.43 -5.94 -8.39
N GLN A 59 -15.18 -6.96 -9.20
CA GLN A 59 -14.51 -8.19 -8.77
C GLN A 59 -13.03 -7.94 -8.42
N ALA A 60 -12.42 -6.97 -9.09
CA ALA A 60 -11.05 -6.60 -8.86
C ALA A 60 -10.96 -5.56 -7.74
N THR A 61 -11.00 -6.06 -6.52
CA THR A 61 -11.23 -5.21 -5.37
C THR A 61 -10.07 -4.28 -5.04
N SER A 62 -8.86 -4.55 -5.54
CA SER A 62 -7.69 -3.71 -5.20
C SER A 62 -7.54 -2.53 -6.18
N THR A 63 -8.35 -2.51 -7.24
CA THR A 63 -8.30 -1.43 -8.24
C THR A 63 -8.31 -0.05 -7.59
N GLU A 64 -7.47 0.85 -8.10
CA GLU A 64 -7.32 2.19 -7.55
C GLU A 64 -8.02 3.25 -8.38
N TYR A 65 -8.76 4.13 -7.69
CA TYR A 65 -9.47 5.22 -8.36
C TYR A 65 -9.05 6.60 -7.88
N ASP A 66 -9.22 7.60 -8.74
CA ASP A 66 -9.00 8.98 -8.34
C ASP A 66 -10.31 9.69 -7.94
N LYS A 67 -10.18 10.96 -7.65
CA LYS A 67 -11.28 11.76 -7.14
C LYS A 67 -12.49 11.79 -8.09
N ASP A 68 -12.28 11.37 -9.33
CA ASP A 68 -13.36 11.36 -10.35
C ASP A 68 -13.89 9.97 -10.65
N GLY A 69 -13.42 8.99 -9.89
CA GLY A 69 -13.76 7.60 -10.15
C GLY A 69 -13.08 7.02 -11.37
N ASN A 70 -12.13 7.77 -11.94
CA ASN A 70 -11.27 7.20 -12.97
C ASN A 70 -10.32 6.17 -12.39
N ILE A 71 -10.03 5.16 -13.20
CA ILE A 71 -9.04 4.13 -12.84
C ILE A 71 -7.64 4.73 -12.88
N ILE A 72 -6.89 4.64 -11.77
CA ILE A 72 -5.51 5.11 -11.79
C ILE A 72 -4.50 4.02 -11.44
N GLY A 73 -4.98 2.83 -11.09
CA GLY A 73 -4.09 1.73 -10.74
C GLY A 73 -4.74 0.36 -10.84
N TYR A 74 -4.07 -0.53 -11.57
CA TYR A 74 -4.37 -1.94 -11.54
C TYR A 74 -3.09 -2.67 -11.92
N GLY A 75 -2.32 -3.02 -10.90
CA GLY A 75 -0.97 -3.54 -11.06
C GLY A 75 0.03 -2.46 -11.41
N LEU A 76 -0.18 -1.83 -12.56
CA LEU A 76 0.47 -0.57 -12.90
C LEU A 76 -0.37 0.59 -12.36
N THR A 77 0.28 1.59 -11.76
CA THR A 77 -0.47 2.65 -11.10
C THR A 77 0.20 3.98 -11.20
N LEU A 78 -0.60 5.02 -11.13
CA LEU A 78 -0.09 6.39 -11.11
C LEU A 78 0.23 6.82 -9.68
N ARG A 79 -0.22 6.02 -8.72
CA ARG A 79 -0.07 6.35 -7.31
C ARG A 79 1.26 5.81 -6.81
N GLU A 80 2.07 6.62 -6.13
CA GLU A 80 3.40 6.19 -5.71
C GLU A 80 3.43 4.88 -4.91
N THR A 81 4.38 4.01 -5.25
CA THR A 81 4.68 2.83 -4.48
C THR A 81 6.21 2.70 -4.37
N SER A 82 6.67 1.61 -3.76
CA SER A 82 8.10 1.25 -3.69
C SER A 82 8.72 0.76 -5.00
N TYR A 83 7.90 0.50 -6.00
CA TYR A 83 8.36 -0.05 -7.28
C TYR A 83 8.17 0.98 -8.34
N VAL A 84 9.28 1.57 -8.77
CA VAL A 84 9.24 2.63 -9.77
C VAL A 84 9.39 1.98 -11.16
N PHE A 85 8.48 2.35 -12.04
CA PHE A 85 8.37 1.84 -13.39
C PHE A 85 8.39 2.99 -14.39
N GLU A 86 9.56 3.29 -14.94
CA GLU A 86 9.72 4.49 -15.74
C GLU A 86 9.72 4.10 -17.21
N ILE A 87 8.74 4.60 -17.96
CA ILE A 87 8.71 4.42 -19.42
C ILE A 87 8.75 5.78 -20.09
N ASP A 88 9.61 5.91 -21.10
CA ASP A 88 9.92 7.21 -21.70
C ASP A 88 10.46 8.14 -20.61
N ASP A 89 9.87 9.32 -20.45
CA ASP A 89 10.30 10.25 -19.40
C ASP A 89 9.34 10.15 -18.21
N ARG A 90 8.39 9.22 -18.30
CA ARG A 90 7.26 9.17 -17.40
C ARG A 90 7.40 8.17 -16.25
N ARG A 91 7.39 8.71 -15.04
CA ARG A 91 7.51 7.90 -13.85
C ARG A 91 6.15 7.29 -13.45
N LEU A 92 5.99 6.00 -13.66
CA LEU A 92 4.83 5.26 -13.13
C LEU A 92 5.29 4.33 -12.02
N TYR A 93 4.35 3.56 -11.50
CA TYR A 93 4.64 2.65 -10.40
C TYR A 93 3.96 1.31 -10.56
N ALA A 94 4.45 0.30 -9.84
CA ALA A 94 3.84 -1.02 -9.87
C ALA A 94 3.53 -1.44 -8.45
N TRP A 95 2.62 -2.39 -8.31
CA TRP A 95 2.23 -2.91 -7.00
C TRP A 95 3.28 -3.84 -6.38
N CYS A 96 4.10 -4.46 -7.20
CA CYS A 96 5.08 -5.44 -6.66
C CYS A 96 6.18 -5.73 -7.66
N ALA A 97 7.25 -6.40 -7.21
CA ALA A 97 8.41 -6.62 -8.08
C ALA A 97 8.07 -7.41 -9.34
N LEU A 98 7.26 -8.44 -9.20
CA LEU A 98 6.95 -9.28 -10.33
C LEU A 98 6.16 -8.53 -11.42
N ASP A 99 5.24 -7.64 -11.01
CA ASP A 99 4.59 -6.71 -11.92
C ASP A 99 5.59 -6.04 -12.83
N THR A 100 6.72 -5.54 -12.29
CA THR A 100 7.58 -4.75 -13.12
C THR A 100 8.23 -5.58 -14.18
N LEU A 101 8.32 -6.89 -13.95
CA LEU A 101 8.96 -7.80 -14.88
C LEU A 101 7.98 -8.28 -15.98
N ILE A 102 6.69 -8.21 -15.65
CA ILE A 102 5.62 -8.72 -16.52
C ILE A 102 5.14 -7.66 -17.48
N PHE A 103 4.92 -6.44 -16.99
CA PHE A 103 4.24 -5.48 -17.82
C PHE A 103 4.94 -5.10 -19.14
N PRO A 104 6.28 -4.98 -19.15
CA PRO A 104 6.86 -4.47 -20.40
C PRO A 104 6.51 -5.30 -21.63
N ALA A 105 6.43 -6.63 -21.50
CA ALA A 105 6.00 -7.44 -22.63
C ALA A 105 4.57 -7.14 -22.97
N LEU A 106 3.74 -6.85 -21.97
CA LEU A 106 2.31 -6.70 -22.24
C LEU A 106 1.97 -5.34 -22.85
N ILE A 107 2.81 -4.34 -22.59
CA ILE A 107 2.55 -3.01 -23.10
C ILE A 107 3.48 -2.66 -24.26
N GLY A 108 4.40 -3.57 -24.59
CA GLY A 108 5.28 -3.37 -25.72
C GLY A 108 6.24 -2.22 -25.51
N ARG A 109 6.75 -2.07 -24.29
CA ARG A 109 7.74 -1.01 -24.00
C ARG A 109 8.82 -1.51 -23.09
N THR A 110 9.89 -0.72 -23.01
CA THR A 110 11.02 -0.99 -22.13
C THR A 110 10.93 -0.05 -20.95
N ALA A 111 11.05 -0.61 -19.75
CA ALA A 111 10.93 0.16 -18.53
C ALA A 111 12.25 0.20 -17.77
N ARG A 112 12.54 1.37 -17.18
CA ARG A 112 13.65 1.48 -16.21
C ARG A 112 13.01 1.35 -14.85
N VAL A 113 13.29 0.22 -14.23
CA VAL A 113 12.67 -0.16 -12.98
C VAL A 113 13.64 0.10 -11.81
N SER A 114 13.12 0.68 -10.72
CA SER A 114 13.94 0.86 -9.53
C SER A 114 13.13 0.63 -8.27
N SER A 115 13.82 0.21 -7.21
CA SER A 115 13.16 -0.02 -5.92
C SER A 115 14.22 -0.04 -4.84
N HIS A 116 13.88 -0.56 -3.66
CA HIS A 116 14.88 -0.85 -2.65
C HIS A 116 14.71 -2.25 -2.11
N CYS A 117 15.83 -2.84 -1.74
CA CYS A 117 15.86 -4.14 -1.13
C CYS A 117 14.97 -4.12 0.10
N ALA A 118 14.06 -5.08 0.22
CA ALA A 118 13.14 -5.11 1.33
C ALA A 118 13.83 -5.55 2.62
N ALA A 119 14.98 -6.21 2.50
CA ALA A 119 15.75 -6.64 3.68
C ALA A 119 16.75 -5.59 4.20
N THR A 120 17.35 -4.81 3.30
CA THR A 120 18.47 -3.92 3.68
C THR A 120 18.33 -2.46 3.27
N GLY A 121 17.31 -2.15 2.47
CA GLY A 121 17.10 -0.78 2.03
C GLY A 121 18.00 -0.41 0.87
N ALA A 122 18.86 -1.34 0.46
CA ALA A 122 19.80 -1.08 -0.62
C ALA A 122 19.07 -0.74 -1.90
N PRO A 123 19.55 0.26 -2.64
CA PRO A 123 18.88 0.53 -3.92
C PRO A 123 19.08 -0.64 -4.89
N VAL A 124 18.05 -0.89 -5.67
CA VAL A 124 18.13 -1.87 -6.77
C VAL A 124 17.52 -1.27 -8.02
N SER A 125 18.04 -1.63 -9.19
CA SER A 125 17.47 -1.14 -10.45
C SER A 125 17.82 -2.09 -11.59
N LEU A 126 17.03 -2.02 -12.66
CA LEU A 126 17.24 -2.83 -13.84
C LEU A 126 16.38 -2.34 -14.98
N THR A 127 16.78 -2.67 -16.20
CA THR A 127 16.02 -2.33 -17.39
C THR A 127 15.28 -3.56 -17.89
N VAL A 128 13.97 -3.42 -18.05
CA VAL A 128 13.14 -4.58 -18.40
C VAL A 128 12.45 -4.30 -19.73
N SER A 129 12.79 -5.11 -20.72
N SER A 129 12.78 -5.09 -20.73
CA SER A 129 12.20 -5.02 -22.05
CA SER A 129 12.15 -4.97 -22.04
C SER A 129 11.21 -6.16 -22.23
C SER A 129 11.19 -6.14 -22.23
N PRO A 130 10.48 -6.17 -23.36
CA PRO A 130 9.55 -7.30 -23.59
C PRO A 130 10.25 -8.66 -23.60
N SER A 131 11.54 -8.69 -23.93
CA SER A 131 12.18 -9.99 -24.10
C SER A 131 13.32 -10.26 -23.13
N GLU A 132 13.79 -9.26 -22.39
CA GLU A 132 14.99 -9.47 -21.58
C GLU A 132 15.18 -8.44 -20.52
N ILE A 133 16.07 -8.75 -19.58
CA ILE A 133 16.47 -7.77 -18.60
C ILE A 133 17.95 -7.47 -18.81
N GLN A 134 18.30 -6.23 -18.52
CA GLN A 134 19.68 -5.73 -18.63
C GLN A 134 19.99 -4.79 -17.49
N ALA A 135 21.27 -4.43 -17.36
CA ALA A 135 21.67 -3.45 -16.35
C ALA A 135 21.11 -3.84 -15.01
N VAL A 136 21.22 -5.14 -14.70
CA VAL A 136 20.72 -5.62 -13.41
C VAL A 136 21.68 -5.16 -12.30
N GLU A 137 21.22 -4.31 -11.39
CA GLU A 137 22.10 -3.70 -10.35
C GLU A 137 21.45 -3.79 -8.97
N PRO A 138 21.97 -4.67 -8.10
CA PRO A 138 23.16 -5.52 -8.26
C PRO A 138 22.85 -6.79 -9.04
N ALA A 139 23.89 -7.43 -9.59
CA ALA A 139 23.73 -8.54 -10.53
C ALA A 139 22.96 -9.70 -9.90
N GLY A 140 23.14 -9.86 -8.59
CA GLY A 140 22.52 -10.96 -7.87
C GLY A 140 21.12 -10.69 -7.34
N MET A 141 20.47 -9.63 -7.83
CA MET A 141 19.14 -9.26 -7.36
C MET A 141 18.20 -10.45 -7.33
N ALA A 142 17.43 -10.53 -6.24
CA ALA A 142 16.46 -11.58 -6.01
C ALA A 142 15.04 -11.00 -5.85
N VAL A 143 14.06 -11.91 -5.86
CA VAL A 143 12.62 -11.61 -5.75
C VAL A 143 11.99 -12.63 -4.80
N SER A 144 11.09 -12.17 -3.93
CA SER A 144 10.29 -13.11 -3.14
C SER A 144 9.01 -13.40 -3.87
N LEU A 145 8.56 -14.64 -3.78
CA LEU A 145 7.28 -15.07 -4.32
C LEU A 145 6.45 -15.68 -3.18
N VAL A 146 5.11 -15.49 -3.19
CA VAL A 146 4.24 -16.28 -2.32
C VAL A 146 3.17 -16.88 -3.20
N LEU A 147 2.40 -17.82 -2.67
CA LEU A 147 1.29 -18.34 -3.45
C LEU A 147 0.06 -17.44 -3.35
N PRO A 148 -0.44 -16.98 -4.50
CA PRO A 148 -1.74 -16.32 -4.50
C PRO A 148 -2.79 -17.13 -3.74
N GLN A 149 -3.72 -16.44 -3.07
CA GLN A 149 -4.80 -17.11 -2.36
C GLN A 149 -6.14 -16.81 -3.03
N GLU A 150 -7.00 -17.82 -3.02
CA GLU A 150 -8.27 -17.81 -3.73
C GLU A 150 -9.22 -16.68 -3.31
N ALA A 151 -9.73 -16.76 -2.09
CA ALA A 151 -10.64 -15.74 -1.57
C ALA A 151 -9.85 -14.73 -0.77
N ALA A 152 -9.02 -13.96 -1.47
CA ALA A 152 -8.09 -13.06 -0.82
C ALA A 152 -7.82 -11.83 -1.68
N ASP A 153 -7.81 -10.68 -1.01
CA ASP A 153 -7.39 -9.42 -1.62
C ASP A 153 -6.00 -9.61 -2.24
N VAL A 154 -5.89 -9.43 -3.56
CA VAL A 154 -4.70 -9.81 -4.30
C VAL A 154 -3.50 -8.96 -3.87
N ARG A 155 -3.74 -7.69 -3.65
CA ARG A 155 -2.65 -6.82 -3.25
C ARG A 155 -2.16 -7.14 -1.84
N GLN A 156 -3.08 -7.40 -0.92
CA GLN A 156 -2.69 -7.79 0.44
C GLN A 156 -2.15 -9.23 0.53
N SER A 157 -2.60 -10.11 -0.36
CA SER A 157 -2.28 -11.54 -0.22
C SER A 157 -1.00 -11.88 -0.96
N PHE A 158 -0.80 -11.25 -2.11
CA PHE A 158 0.32 -11.56 -2.98
C PHE A 158 1.29 -10.38 -3.11
N CYS A 159 0.81 -9.27 -3.67
CA CYS A 159 1.70 -8.19 -4.09
C CYS A 159 2.55 -7.67 -2.95
N CYS A 160 1.98 -7.51 -1.75
CA CYS A 160 2.73 -6.86 -0.69
C CYS A 160 3.81 -7.79 -0.10
N HIS A 161 3.90 -9.04 -0.57
CA HIS A 161 4.95 -9.98 -0.14
C HIS A 161 5.93 -10.32 -1.22
N VAL A 162 5.78 -9.65 -2.37
CA VAL A 162 6.61 -9.92 -3.54
C VAL A 162 7.54 -8.73 -3.78
N HIS A 163 8.74 -8.82 -3.21
CA HIS A 163 9.72 -7.74 -3.15
C HIS A 163 10.97 -8.00 -3.98
N PHE A 164 11.72 -6.94 -4.25
CA PHE A 164 13.12 -7.05 -4.69
C PHE A 164 14.05 -7.15 -3.47
N PHE A 165 15.16 -7.87 -3.68
CA PHE A 165 16.25 -7.97 -2.70
C PHE A 165 17.61 -7.81 -3.37
N ALA A 166 18.61 -7.38 -2.60
CA ALA A 166 19.93 -7.11 -3.14
C ALA A 166 20.61 -8.40 -3.61
N SER A 167 20.24 -9.53 -2.99
CA SER A 167 20.85 -10.84 -3.33
C SER A 167 20.01 -11.97 -2.84
N VAL A 168 20.28 -13.18 -3.35
CA VAL A 168 19.53 -14.36 -2.94
C VAL A 168 19.82 -14.70 -1.45
N PRO A 169 21.10 -14.69 -1.02
CA PRO A 169 21.41 -14.93 0.40
C PRO A 169 20.76 -13.91 1.38
N THR A 170 20.81 -12.64 1.02
CA THR A 170 20.13 -11.59 1.78
C THR A 170 18.62 -11.91 1.84
N ALA A 171 18.05 -12.24 0.69
CA ALA A 171 16.63 -12.56 0.65
C ALA A 171 16.31 -13.82 1.45
N GLU A 172 17.18 -14.83 1.38
CA GLU A 172 16.92 -16.07 2.13
C GLU A 172 16.98 -15.84 3.64
N ASP A 173 17.92 -15.01 4.09
CA ASP A 173 17.98 -14.59 5.48
C ASP A 173 16.63 -14.00 5.91
N TRP A 174 16.16 -13.05 5.10
CA TRP A 174 14.88 -12.38 5.36
C TRP A 174 13.75 -13.42 5.39
N ALA A 175 13.77 -14.32 4.41
CA ALA A 175 12.72 -15.32 4.26
C ALA A 175 12.59 -16.19 5.51
N SER A 176 13.70 -16.47 6.16
CA SER A 176 13.69 -17.40 7.30
C SER A 176 12.91 -16.82 8.47
N LYS A 177 12.80 -15.49 8.51
CA LYS A 177 12.06 -14.80 9.57
C LYS A 177 10.57 -14.63 9.24
N HIS A 178 10.20 -15.01 8.01
CA HIS A 178 8.82 -14.88 7.52
C HIS A 178 8.24 -16.18 6.96
N GLN A 179 8.52 -17.32 7.60
CA GLN A 179 8.02 -18.60 7.09
C GLN A 179 6.50 -18.75 7.23
N GLY A 180 5.85 -17.83 7.93
CA GLY A 180 4.40 -17.82 8.03
C GLY A 180 3.68 -17.46 6.72
N LEU A 181 4.42 -17.03 5.71
CA LEU A 181 3.84 -16.71 4.40
C LEU A 181 3.61 -17.96 3.55
N GLU A 182 2.44 -18.06 2.95
CA GLU A 182 2.06 -19.28 2.25
C GLU A 182 2.86 -19.43 0.97
N GLY A 183 3.63 -20.51 0.90
CA GLY A 183 4.43 -20.84 -0.26
C GLY A 183 5.54 -19.82 -0.49
N LEU A 184 6.07 -19.26 0.59
CA LEU A 184 7.17 -18.31 0.45
C LEU A 184 8.37 -18.96 -0.18
N ALA A 185 8.94 -18.27 -1.18
CA ALA A 185 10.07 -18.77 -1.96
C ALA A 185 10.90 -17.60 -2.46
N ILE A 186 12.22 -17.79 -2.49
CA ILE A 186 13.17 -16.80 -3.04
C ILE A 186 13.74 -17.28 -4.36
N VAL A 187 13.74 -16.40 -5.35
CA VAL A 187 14.31 -16.72 -6.66
C VAL A 187 15.15 -15.56 -7.12
N SER A 188 16.05 -15.82 -8.07
CA SER A 188 16.79 -14.74 -8.72
C SER A 188 15.81 -13.92 -9.56
N VAL A 189 16.17 -12.67 -9.82
CA VAL A 189 15.35 -11.84 -10.69
C VAL A 189 15.28 -12.43 -12.11
N HIS A 190 16.31 -13.18 -12.52
CA HIS A 190 16.20 -13.86 -13.81
C HIS A 190 15.13 -14.93 -13.79
N GLU A 191 15.08 -15.71 -12.70
CA GLU A 191 14.05 -16.75 -12.59
C GLU A 191 12.66 -16.11 -12.53
N ALA A 192 12.56 -14.96 -11.86
CA ALA A 192 11.28 -14.24 -11.72
C ALA A 192 10.85 -13.71 -13.06
N PHE A 193 11.80 -13.27 -13.87
CA PHE A 193 11.51 -12.76 -15.19
C PHE A 193 10.96 -13.89 -16.04
N GLY A 194 11.63 -15.05 -15.97
CA GLY A 194 11.16 -16.24 -16.64
C GLY A 194 9.75 -16.60 -16.22
N LEU A 195 9.48 -16.51 -14.93
CA LEU A 195 8.12 -16.77 -14.45
C LEU A 195 7.15 -15.84 -15.14
N GLY A 196 7.49 -14.56 -15.15
CA GLY A 196 6.65 -13.59 -15.83
C GLY A 196 6.43 -13.90 -17.30
N GLN A 197 7.46 -14.41 -17.97
CA GLN A 197 7.29 -14.75 -19.37
C GLN A 197 6.30 -15.90 -19.57
N GLU A 198 6.35 -16.91 -18.70
CA GLU A 198 5.40 -18.03 -18.81
C GLU A 198 3.96 -17.60 -18.51
N PHE A 199 3.81 -16.72 -17.51
CA PHE A 199 2.51 -16.12 -17.25
C PHE A 199 1.97 -15.39 -18.44
N ASN A 200 2.80 -14.54 -19.04
CA ASN A 200 2.37 -13.73 -20.18
C ASN A 200 2.00 -14.60 -21.38
N ARG A 201 2.78 -15.65 -21.58
CA ARG A 201 2.52 -16.57 -22.69
C ARG A 201 1.14 -17.16 -22.56
N HIS A 202 0.87 -17.67 -21.36
CA HIS A 202 -0.40 -18.32 -21.06
C HIS A 202 -1.53 -17.33 -21.11
N LEU A 203 -1.30 -16.15 -20.56
CA LEU A 203 -2.30 -15.10 -20.63
C LEU A 203 -2.75 -14.78 -22.05
N LEU A 204 -1.77 -14.57 -22.93
CA LEU A 204 -2.11 -14.23 -24.32
C LEU A 204 -2.90 -15.38 -24.98
N GLN A 205 -2.68 -16.63 -24.57
CA GLN A 205 -3.53 -17.74 -25.04
C GLN A 205 -4.98 -17.62 -24.60
N THR A 206 -5.21 -17.35 -23.31
CA THR A 206 -6.56 -17.36 -22.74
C THR A 206 -7.39 -16.16 -23.20
N MET A 207 -6.77 -15.21 -23.87
CA MET A 207 -7.50 -14.03 -24.33
C MET A 207 -8.39 -14.42 -25.51
N SER A 208 -9.40 -13.60 -25.77
CA SER A 208 -10.38 -13.87 -26.82
C SER A 208 -10.19 -12.96 -28.02
N MET B 1 12.65 8.53 25.30
CA MET B 1 13.14 9.08 24.00
C MET B 1 12.60 10.49 23.77
N LYS B 2 13.29 11.26 22.93
CA LYS B 2 12.84 12.61 22.58
C LYS B 2 12.02 12.54 21.28
N LEU B 3 10.70 12.71 21.43
CA LEU B 3 9.80 12.52 20.28
C LEU B 3 9.21 13.82 19.71
N ALA B 4 9.51 14.97 20.33
CA ALA B 4 9.05 16.25 19.80
C ALA B 4 9.31 16.36 18.30
N PRO B 5 10.48 15.88 17.83
CA PRO B 5 10.72 16.07 16.39
C PRO B 5 9.66 15.36 15.52
N TYR B 6 9.16 14.23 15.99
CA TYR B 6 8.18 13.47 15.23
C TYR B 6 6.82 14.17 15.29
N ILE B 7 6.46 14.61 16.50
CA ILE B 7 5.22 15.29 16.74
C ILE B 7 5.15 16.54 15.87
N LEU B 8 6.21 17.33 15.92
CA LEU B 8 6.31 18.52 15.08
C LEU B 8 6.13 18.23 13.59
N GLU B 9 6.83 17.22 13.07
CA GLU B 9 6.75 16.92 11.64
C GLU B 9 5.40 16.32 11.26
N LEU B 10 4.78 15.54 12.15
CA LEU B 10 3.41 15.09 11.89
C LEU B 10 2.43 16.26 11.85
N LEU B 11 2.52 17.15 12.82
CA LEU B 11 1.63 18.31 12.84
C LEU B 11 1.81 19.15 11.58
N THR B 12 3.06 19.34 11.18
CA THR B 12 3.36 20.15 10.00
C THR B 12 2.60 19.62 8.79
N SER B 13 2.57 18.30 8.63
CA SER B 13 1.97 17.71 7.44
C SER B 13 0.45 17.85 7.39
N VAL B 14 -0.15 18.36 8.47
CA VAL B 14 -1.59 18.58 8.49
C VAL B 14 -1.92 20.02 8.79
N ASN B 15 -0.92 20.85 9.05
CA ASN B 15 -1.15 22.29 9.21
C ASN B 15 -0.63 23.09 8.00
N ARG B 16 -0.03 22.34 7.08
CA ARG B 16 0.43 22.83 5.78
C ARG B 16 -0.66 23.62 5.07
N THR B 17 -1.64 22.89 4.54
CA THR B 17 -2.72 23.49 3.78
C THR B 17 -3.85 23.76 4.75
N ASN B 18 -4.27 25.02 4.82
CA ASN B 18 -5.33 25.44 5.72
C ASN B 18 -6.52 24.47 5.62
N GLY B 19 -7.15 24.20 6.76
CA GLY B 19 -8.35 23.38 6.80
C GLY B 19 -8.10 21.89 6.97
N THR B 20 -6.95 21.39 6.52
CA THR B 20 -6.65 19.95 6.59
C THR B 20 -6.87 19.38 7.99
N ALA B 21 -6.32 20.05 8.98
CA ALA B 21 -6.55 19.68 10.37
C ALA B 21 -8.04 19.74 10.70
N ASP B 22 -8.78 20.72 10.15
CA ASP B 22 -10.19 20.88 10.47
C ASP B 22 -11.12 19.90 9.73
N LEU B 23 -10.63 19.35 8.64
CA LEU B 23 -11.38 18.36 7.88
C LEU B 23 -11.14 16.95 8.44
N LEU B 24 -9.99 16.76 9.11
CA LEU B 24 -9.53 15.43 9.52
C LEU B 24 -10.48 14.70 10.48
N VAL B 25 -10.74 15.29 11.64
CA VAL B 25 -11.57 14.60 12.63
C VAL B 25 -12.97 14.29 12.07
N PRO B 26 -13.64 15.25 11.41
CA PRO B 26 -14.95 14.92 10.84
C PRO B 26 -14.85 13.81 9.78
N LEU B 27 -13.79 13.81 8.98
CA LEU B 27 -13.66 12.77 7.98
C LEU B 27 -13.41 11.39 8.63
N LEU B 28 -12.60 11.35 9.69
CA LEU B 28 -12.31 10.07 10.38
C LEU B 28 -13.60 9.54 10.96
N ARG B 29 -14.35 10.43 11.59
CA ARG B 29 -15.59 10.07 12.24
C ARG B 29 -16.56 9.49 11.22
N GLU B 30 -16.63 10.07 10.02
CA GLU B 30 -17.51 9.52 8.99
C GLU B 30 -16.97 8.19 8.49
N LEU B 31 -15.69 8.12 8.17
CA LEU B 31 -15.14 6.85 7.69
C LEU B 31 -15.34 5.74 8.72
N ALA B 32 -15.38 6.10 9.99
CA ALA B 32 -15.57 5.09 11.03
C ALA B 32 -16.96 4.45 10.96
N LYS B 33 -17.90 5.09 10.27
CA LYS B 33 -19.22 4.50 10.07
C LYS B 33 -19.14 3.30 9.12
N GLY B 34 -18.09 3.28 8.31
CA GLY B 34 -17.76 2.12 7.49
C GLY B 34 -18.21 2.17 6.05
N ARG B 35 -18.64 3.34 5.58
CA ARG B 35 -19.03 3.50 4.17
C ARG B 35 -18.33 4.67 3.48
N PRO B 36 -18.28 4.62 2.14
CA PRO B 36 -17.64 5.72 1.41
C PRO B 36 -18.30 7.06 1.74
N VAL B 37 -17.48 8.11 1.73
CA VAL B 37 -17.92 9.47 2.11
C VAL B 37 -17.72 10.39 0.91
N SER B 38 -18.80 11.03 0.45
CA SER B 38 -18.69 11.89 -0.72
C SER B 38 -18.24 13.27 -0.30
N ARG B 39 -17.71 13.98 -1.26
CA ARG B 39 -17.26 15.35 -1.01
C ARG B 39 -18.40 16.27 -0.59
N THR B 40 -19.63 16.03 -1.10
CA THR B 40 -20.74 16.88 -0.70
C THR B 40 -21.21 16.55 0.73
N THR B 41 -21.12 15.29 1.13
CA THR B 41 -21.49 14.91 2.50
C THR B 41 -20.51 15.58 3.46
N LEU B 42 -19.24 15.49 3.12
CA LEU B 42 -18.19 16.03 3.95
C LEU B 42 -18.33 17.55 4.02
N ALA B 43 -18.69 18.16 2.90
CA ALA B 43 -18.83 19.61 2.83
C ALA B 43 -20.01 20.04 3.68
N GLY B 44 -21.08 19.25 3.64
CA GLY B 44 -22.25 19.49 4.47
C GLY B 44 -21.90 19.44 5.96
N ILE B 45 -21.05 18.51 6.34
CA ILE B 45 -20.67 18.31 7.73
C ILE B 45 -19.80 19.49 8.23
N LEU B 46 -18.87 19.92 7.40
CA LEU B 46 -17.97 21.02 7.72
C LEU B 46 -18.60 22.40 7.54
N ASP B 47 -19.74 22.45 6.85
CA ASP B 47 -20.31 23.72 6.40
C ASP B 47 -19.25 24.50 5.60
N TRP B 48 -18.58 23.79 4.68
CA TRP B 48 -17.66 24.41 3.71
C TRP B 48 -18.26 24.36 2.33
N PRO B 49 -17.83 25.27 1.44
CA PRO B 49 -18.10 25.06 0.02
C PRO B 49 -17.29 23.88 -0.55
N ALA B 50 -17.83 23.25 -1.56
CA ALA B 50 -17.22 22.05 -2.13
C ALA B 50 -15.78 22.33 -2.60
N GLU B 51 -15.55 23.52 -3.13
CA GLU B 51 -14.24 23.86 -3.67
C GLU B 51 -13.13 23.84 -2.59
N ARG B 52 -13.45 24.27 -1.37
CA ARG B 52 -12.53 24.15 -0.24
C ARG B 52 -12.22 22.70 0.08
N VAL B 53 -13.27 21.88 0.17
CA VAL B 53 -13.10 20.46 0.46
C VAL B 53 -12.19 19.85 -0.58
N ALA B 54 -12.45 20.17 -1.84
CA ALA B 54 -11.64 19.66 -2.94
C ALA B 54 -10.17 20.12 -2.81
N ALA B 55 -9.99 21.38 -2.46
CA ALA B 55 -8.66 21.95 -2.30
C ALA B 55 -7.87 21.15 -1.27
N VAL B 56 -8.47 20.93 -0.10
CA VAL B 56 -7.79 20.25 0.97
C VAL B 56 -7.44 18.86 0.51
N LEU B 57 -8.41 18.17 -0.09
CA LEU B 57 -8.20 16.79 -0.47
C LEU B 57 -7.16 16.65 -1.57
N GLU B 58 -7.07 17.62 -2.46
CA GLU B 58 -6.14 17.55 -3.57
C GLU B 58 -4.70 17.59 -3.05
N GLN B 59 -4.51 18.24 -1.91
CA GLN B 59 -3.19 18.24 -1.28
C GLN B 59 -2.85 16.88 -0.69
N ALA B 60 -3.86 16.19 -0.17
CA ALA B 60 -3.69 14.88 0.45
C ALA B 60 -3.67 13.75 -0.58
N THR B 61 -2.48 13.48 -1.10
CA THR B 61 -2.31 12.65 -2.29
C THR B 61 -2.47 11.16 -2.03
N SER B 62 -2.44 10.76 -0.78
CA SER B 62 -2.58 9.35 -0.46
C SER B 62 -4.06 8.94 -0.38
N THR B 63 -4.96 9.93 -0.38
CA THR B 63 -6.40 9.71 -0.23
C THR B 63 -6.89 8.62 -1.18
N GLU B 64 -7.64 7.68 -0.62
CA GLU B 64 -8.15 6.55 -1.38
C GLU B 64 -9.60 6.81 -1.75
N TYR B 65 -9.93 6.50 -2.99
CA TYR B 65 -11.29 6.73 -3.53
C TYR B 65 -11.87 5.44 -4.10
N ASP B 66 -13.20 5.37 -4.20
CA ASP B 66 -13.83 4.20 -4.78
C ASP B 66 -14.23 4.49 -6.21
N LYS B 67 -14.86 3.49 -6.82
CA LYS B 67 -15.29 3.55 -8.21
C LYS B 67 -16.10 4.81 -8.54
N ASP B 68 -16.79 5.37 -7.55
CA ASP B 68 -17.57 6.60 -7.74
C ASP B 68 -16.87 7.86 -7.35
N GLY B 69 -15.65 7.75 -6.84
CA GLY B 69 -14.90 8.94 -6.50
C GLY B 69 -15.24 9.44 -5.11
N ASN B 70 -15.85 8.57 -4.33
CA ASN B 70 -16.09 8.88 -2.94
C ASN B 70 -14.88 8.44 -2.10
N ILE B 71 -14.70 9.07 -0.94
CA ILE B 71 -13.52 8.82 -0.14
C ILE B 71 -13.67 7.51 0.62
N ILE B 72 -12.70 6.62 0.48
CA ILE B 72 -12.71 5.38 1.25
C ILE B 72 -11.49 5.20 2.17
N GLY B 73 -10.51 6.10 2.07
CA GLY B 73 -9.31 5.97 2.89
C GLY B 73 -8.65 7.30 3.13
N TYR B 74 -8.48 7.63 4.41
CA TYR B 74 -7.61 8.73 4.83
C TYR B 74 -7.07 8.40 6.19
N GLY B 75 -5.98 7.62 6.25
CA GLY B 75 -5.49 7.17 7.53
C GLY B 75 -6.27 5.94 7.96
N LEU B 76 -7.56 6.16 8.17
CA LEU B 76 -8.51 5.11 8.44
C LEU B 76 -9.09 4.75 7.10
N THR B 77 -9.25 3.47 6.80
CA THR B 77 -9.60 3.10 5.44
C THR B 77 -10.48 1.86 5.42
N LEU B 78 -11.30 1.77 4.38
CA LEU B 78 -12.16 0.60 4.18
C LEU B 78 -11.46 -0.47 3.37
N ARG B 79 -10.31 -0.14 2.78
CA ARG B 79 -9.49 -1.10 2.05
C ARG B 79 -8.52 -1.83 2.95
N GLU B 80 -8.50 -3.15 2.83
CA GLU B 80 -7.61 -4.00 3.60
C GLU B 80 -6.15 -3.55 3.62
N THR B 81 -5.61 -3.48 4.84
CA THR B 81 -4.17 -3.31 5.09
C THR B 81 -3.70 -4.29 6.16
N SER B 82 -2.41 -4.19 6.51
CA SER B 82 -1.83 -5.01 7.57
C SER B 82 -2.31 -4.64 8.96
N TYR B 83 -3.08 -3.55 9.10
CA TYR B 83 -3.42 -3.03 10.42
C TYR B 83 -4.91 -3.02 10.59
N VAL B 84 -5.39 -4.01 11.33
CA VAL B 84 -6.82 -4.20 11.50
C VAL B 84 -7.37 -3.34 12.63
N PHE B 85 -8.47 -2.65 12.37
CA PHE B 85 -8.98 -1.64 13.28
C PHE B 85 -10.45 -1.87 13.47
N GLU B 86 -10.80 -2.65 14.48
CA GLU B 86 -12.19 -3.06 14.70
C GLU B 86 -12.87 -2.17 15.73
N ILE B 87 -13.96 -1.52 15.34
CA ILE B 87 -14.77 -0.77 16.31
C ILE B 87 -16.18 -1.32 16.23
N ASP B 88 -16.70 -1.77 17.37
CA ASP B 88 -17.96 -2.51 17.43
C ASP B 88 -17.84 -3.82 16.65
N ASP B 89 -18.74 -4.08 15.70
CA ASP B 89 -18.66 -5.27 14.86
C ASP B 89 -18.23 -4.86 13.44
N ARG B 90 -17.58 -3.70 13.35
CA ARG B 90 -17.08 -3.18 12.09
C ARG B 90 -15.58 -3.44 11.92
N ARG B 91 -15.20 -4.05 10.82
CA ARG B 91 -13.80 -4.36 10.54
C ARG B 91 -13.26 -3.31 9.60
N LEU B 92 -12.47 -2.38 10.14
CA LEU B 92 -11.83 -1.38 9.31
C LEU B 92 -10.33 -1.60 9.37
N TYR B 93 -9.59 -0.72 8.73
CA TYR B 93 -8.14 -0.83 8.60
C TYR B 93 -7.48 0.51 8.78
N ALA B 94 -6.18 0.50 9.02
CA ALA B 94 -5.39 1.75 9.18
C ALA B 94 -4.14 1.68 8.33
N TRP B 95 -3.60 2.83 8.01
CA TRP B 95 -2.50 2.87 7.10
C TRP B 95 -1.20 2.45 7.80
N CYS B 96 -1.12 2.62 9.11
CA CYS B 96 0.08 2.24 9.85
C CYS B 96 -0.19 2.11 11.34
N ALA B 97 0.83 1.65 12.06
CA ALA B 97 0.72 1.34 13.49
C ALA B 97 0.33 2.61 14.29
N LEU B 98 1.01 3.70 14.00
CA LEU B 98 0.78 4.89 14.77
C LEU B 98 -0.67 5.36 14.62
N ASP B 99 -1.22 5.26 13.41
CA ASP B 99 -2.61 5.60 13.14
C ASP B 99 -3.56 4.92 14.14
N THR B 100 -3.35 3.65 14.37
CA THR B 100 -4.27 2.90 15.18
C THR B 100 -4.24 3.39 16.61
N LEU B 101 -3.16 4.06 17.01
CA LEU B 101 -3.00 4.57 18.37
C LEU B 101 -3.63 5.95 18.52
N ILE B 102 -3.67 6.71 17.42
CA ILE B 102 -4.15 8.09 17.43
C ILE B 102 -5.65 8.18 17.30
N PHE B 103 -6.21 7.39 16.37
CA PHE B 103 -7.61 7.55 15.94
C PHE B 103 -8.67 7.38 17.02
N PRO B 104 -8.51 6.41 17.95
CA PRO B 104 -9.59 6.21 18.91
C PRO B 104 -9.94 7.49 19.72
N ALA B 105 -8.94 8.28 20.14
CA ALA B 105 -9.21 9.56 20.82
C ALA B 105 -9.97 10.50 19.92
N LEU B 106 -9.61 10.55 18.65
CA LEU B 106 -10.24 11.50 17.74
C LEU B 106 -11.67 11.13 17.38
N ILE B 107 -11.99 9.83 17.34
CA ILE B 107 -13.34 9.44 16.98
C ILE B 107 -14.17 9.10 18.22
N GLY B 108 -13.53 9.05 19.37
CA GLY B 108 -14.24 8.81 20.62
C GLY B 108 -14.77 7.40 20.74
N ARG B 109 -13.95 6.44 20.34
CA ARG B 109 -14.32 5.02 20.35
C ARG B 109 -13.14 4.19 20.78
N THR B 110 -13.39 3.00 21.30
CA THR B 110 -12.32 2.10 21.66
C THR B 110 -12.19 1.06 20.54
N ALA B 111 -10.96 0.83 20.09
CA ALA B 111 -10.74 -0.09 19.00
C ALA B 111 -9.95 -1.32 19.41
N ARG B 112 -10.33 -2.46 18.86
CA ARG B 112 -9.50 -3.65 18.92
C ARG B 112 -8.60 -3.69 17.69
N VAL B 113 -7.31 -3.49 17.93
CA VAL B 113 -6.31 -3.38 16.87
C VAL B 113 -5.53 -4.71 16.79
N SER B 114 -5.26 -5.17 15.56
CA SER B 114 -4.41 -6.34 15.39
C SER B 114 -3.56 -6.26 14.13
N SER B 115 -2.41 -6.94 14.16
CA SER B 115 -1.50 -6.89 13.02
C SER B 115 -0.56 -8.06 13.14
N HIS B 116 0.52 -8.00 12.39
CA HIS B 116 1.63 -8.93 12.56
C HIS B 116 2.93 -8.18 12.63
N CYS B 117 3.82 -8.73 13.45
CA CYS B 117 5.18 -8.20 13.62
C CYS B 117 5.80 -8.11 12.25
N ALA B 118 6.33 -6.95 11.93
CA ALA B 118 6.93 -6.74 10.63
C ALA B 118 8.29 -7.47 10.51
N ALA B 119 8.91 -7.89 11.62
CA ALA B 119 10.23 -8.52 11.51
C ALA B 119 10.08 -10.04 11.42
N THR B 120 9.05 -10.57 12.08
CA THR B 120 8.94 -12.01 12.35
C THR B 120 7.60 -12.59 11.93
N GLY B 121 6.62 -11.72 11.72
CA GLY B 121 5.30 -12.16 11.34
C GLY B 121 4.43 -12.68 12.48
N ALA B 122 4.96 -12.70 13.70
CA ALA B 122 4.17 -13.07 14.87
C ALA B 122 2.94 -12.13 14.98
N PRO B 123 1.77 -12.69 15.30
CA PRO B 123 0.56 -11.92 15.57
C PRO B 123 0.72 -11.02 16.80
N VAL B 124 0.17 -9.82 16.64
CA VAL B 124 0.20 -8.80 17.69
C VAL B 124 -1.20 -8.19 17.79
N SER B 125 -1.60 -7.84 18.99
CA SER B 125 -2.88 -7.16 19.17
C SER B 125 -2.88 -6.33 20.44
N LEU B 126 -3.82 -5.39 20.48
CA LEU B 126 -4.03 -4.56 21.63
C LEU B 126 -5.35 -3.82 21.49
N THR B 127 -5.79 -3.26 22.61
CA THR B 127 -7.02 -2.51 22.67
C THR B 127 -6.60 -1.07 22.90
N VAL B 128 -7.10 -0.17 22.06
CA VAL B 128 -6.71 1.23 22.10
C VAL B 128 -7.96 2.05 22.40
N SER B 129 -7.95 2.77 23.52
CA SER B 129 -9.05 3.70 23.81
C SER B 129 -8.58 5.15 23.70
N PRO B 130 -9.50 6.10 23.87
CA PRO B 130 -9.06 7.49 23.83
C PRO B 130 -7.96 7.85 24.85
N SER B 131 -7.89 7.17 25.99
CA SER B 131 -6.96 7.57 27.04
C SER B 131 -5.82 6.58 27.35
N GLU B 132 -5.91 5.35 26.85
CA GLU B 132 -4.87 4.36 27.17
C GLU B 132 -4.88 3.14 26.24
N ILE B 133 -3.77 2.39 26.25
CA ILE B 133 -3.75 1.08 25.61
C ILE B 133 -3.83 0.00 26.68
N GLN B 134 -4.49 -1.10 26.31
CA GLN B 134 -4.65 -2.24 27.20
C GLN B 134 -4.51 -3.56 26.43
N ALA B 135 -4.35 -4.66 27.16
CA ALA B 135 -4.28 -5.99 26.58
C ALA B 135 -3.23 -6.05 25.51
N VAL B 136 -2.07 -5.47 25.82
CA VAL B 136 -0.96 -5.43 24.86
C VAL B 136 -0.34 -6.82 24.75
N GLU B 137 -0.60 -7.49 23.62
CA GLU B 137 -0.13 -8.86 23.36
C GLU B 137 0.75 -8.96 22.12
N PRO B 138 2.05 -9.27 22.27
CA PRO B 138 2.82 -9.51 23.50
C PRO B 138 3.04 -8.23 24.30
N ALA B 139 3.37 -8.35 25.57
CA ALA B 139 3.57 -7.18 26.43
C ALA B 139 4.68 -6.26 25.91
N GLY B 140 5.70 -6.86 25.30
CA GLY B 140 6.90 -6.14 24.90
C GLY B 140 6.80 -5.48 23.53
N MET B 141 5.58 -5.40 23.00
CA MET B 141 5.35 -4.87 21.66
C MET B 141 5.98 -3.50 21.43
N ALA B 142 6.43 -3.28 20.20
CA ALA B 142 7.24 -2.12 19.85
C ALA B 142 6.70 -1.53 18.56
N VAL B 143 7.08 -0.29 18.30
CA VAL B 143 6.70 0.42 17.11
C VAL B 143 7.93 1.07 16.49
N SER B 144 7.99 1.07 15.16
CA SER B 144 8.99 1.87 14.45
C SER B 144 8.44 3.23 14.03
N LEU B 145 9.30 4.24 14.18
CA LEU B 145 9.01 5.60 13.76
C LEU B 145 10.04 6.00 12.74
N VAL B 146 9.60 6.74 11.74
CA VAL B 146 10.52 7.54 10.93
C VAL B 146 10.09 9.01 11.00
N LEU B 147 11.00 9.90 10.66
CA LEU B 147 10.62 11.30 10.52
C LEU B 147 9.78 11.50 9.28
N PRO B 148 8.55 12.03 9.43
CA PRO B 148 7.77 12.35 8.26
C PRO B 148 8.58 13.22 7.31
N GLN B 149 8.59 12.92 6.03
CA GLN B 149 9.23 13.81 5.07
C GLN B 149 8.19 14.82 4.60
N GLU B 150 8.49 16.10 4.83
CA GLU B 150 7.59 17.17 4.44
C GLU B 150 7.32 17.15 2.93
N ALA B 151 6.05 17.33 2.57
CA ALA B 151 5.58 17.43 1.20
C ALA B 151 5.56 16.08 0.44
N ALA B 152 6.20 15.04 0.98
CA ALA B 152 6.24 13.73 0.32
C ALA B 152 4.93 12.97 0.54
N ASP B 153 4.67 11.97 -0.30
CA ASP B 153 3.54 11.05 -0.09
C ASP B 153 3.67 10.43 1.28
N VAL B 154 2.67 10.65 2.13
CA VAL B 154 2.76 10.26 3.54
C VAL B 154 2.78 8.73 3.67
N ARG B 155 2.04 8.06 2.79
CA ARG B 155 1.98 6.62 2.86
C ARG B 155 3.33 6.02 2.56
N GLN B 156 3.98 6.53 1.53
CA GLN B 156 5.23 5.95 1.07
C GLN B 156 6.43 6.42 1.90
N SER B 157 6.33 7.63 2.45
CA SER B 157 7.42 8.22 3.21
C SER B 157 7.37 7.88 4.69
N PHE B 158 6.17 7.79 5.23
CA PHE B 158 5.97 7.59 6.66
C PHE B 158 5.27 6.26 6.96
N CYS B 159 3.99 6.12 6.55
CA CYS B 159 3.17 5.03 7.01
C CYS B 159 3.76 3.63 6.74
N CYS B 160 4.34 3.44 5.56
N CYS B 160 4.33 3.46 5.56
CA CYS B 160 4.81 2.12 5.17
CA CYS B 160 4.82 2.16 5.12
C CYS B 160 6.08 1.76 5.91
C CYS B 160 5.98 1.71 6.02
N HIS B 161 6.57 2.63 6.78
CA HIS B 161 7.73 2.32 7.63
C HIS B 161 7.38 2.27 9.13
N VAL B 162 6.09 2.46 9.45
CA VAL B 162 5.66 2.53 10.85
C VAL B 162 4.87 1.29 11.20
N HIS B 163 5.57 0.31 11.77
CA HIS B 163 5.05 -1.04 12.00
C HIS B 163 4.94 -1.38 13.48
N PHE B 164 4.19 -2.44 13.78
CA PHE B 164 4.29 -3.10 15.06
C PHE B 164 5.34 -4.21 15.01
N PHE B 165 6.00 -4.45 16.14
CA PHE B 165 6.93 -5.56 16.29
C PHE B 165 6.66 -6.31 17.58
N ALA B 166 6.93 -7.62 17.61
CA ALA B 166 6.70 -8.40 18.81
C ALA B 166 7.53 -7.92 20.05
N SER B 167 8.70 -7.32 19.83
CA SER B 167 9.55 -6.85 20.95
C SER B 167 10.49 -5.73 20.52
N VAL B 168 10.97 -4.96 21.49
CA VAL B 168 11.88 -3.87 21.19
C VAL B 168 13.16 -4.42 20.57
N PRO B 169 13.75 -5.48 21.17
CA PRO B 169 15.01 -5.99 20.59
C PRO B 169 14.81 -6.56 19.19
N THR B 170 13.71 -7.27 19.00
CA THR B 170 13.38 -7.79 17.67
C THR B 170 13.28 -6.61 16.71
N ALA B 171 12.57 -5.57 17.14
CA ALA B 171 12.47 -4.34 16.36
C ALA B 171 13.81 -3.66 16.08
N GLU B 172 14.70 -3.60 17.07
CA GLU B 172 16.00 -2.99 16.88
C GLU B 172 16.90 -3.77 15.90
N ASP B 173 16.80 -5.09 15.92
CA ASP B 173 17.54 -5.89 14.94
C ASP B 173 17.11 -5.56 13.54
N TRP B 174 15.81 -5.44 13.34
CA TRP B 174 15.24 -5.08 12.07
C TRP B 174 15.76 -3.70 11.63
N ALA B 175 15.70 -2.73 12.55
CA ALA B 175 16.08 -1.36 12.25
C ALA B 175 17.57 -1.27 11.86
N SER B 176 18.40 -2.17 12.39
CA SER B 176 19.84 -2.16 12.08
C SER B 176 20.08 -2.42 10.59
N LYS B 177 19.16 -3.14 9.94
CA LYS B 177 19.24 -3.39 8.50
C LYS B 177 18.50 -2.36 7.65
N HIS B 178 17.99 -1.30 8.27
CA HIS B 178 17.25 -0.27 7.56
C HIS B 178 17.68 1.14 7.96
N GLN B 179 18.99 1.35 8.10
CA GLN B 179 19.51 2.65 8.56
C GLN B 179 19.43 3.77 7.53
N GLY B 180 19.02 3.44 6.30
CA GLY B 180 18.82 4.44 5.28
C GLY B 180 17.49 5.20 5.40
N LEU B 181 16.68 4.87 6.40
CA LEU B 181 15.39 5.58 6.63
C LEU B 181 15.61 6.76 7.59
N GLU B 182 15.13 7.94 7.22
CA GLU B 182 15.50 9.09 8.02
C GLU B 182 14.81 9.07 9.39
N GLY B 183 15.59 9.31 10.42
CA GLY B 183 15.10 9.36 11.77
C GLY B 183 14.51 8.06 12.24
N LEU B 184 14.96 6.91 11.71
CA LEU B 184 14.34 5.64 12.09
C LEU B 184 14.64 5.38 13.55
N ALA B 185 13.60 4.97 14.25
CA ALA B 185 13.73 4.77 15.68
C ALA B 185 12.74 3.74 16.16
N ILE B 186 13.11 3.06 17.23
CA ILE B 186 12.24 2.06 17.82
C ILE B 186 11.81 2.54 19.20
N VAL B 187 10.51 2.52 19.43
CA VAL B 187 9.97 2.81 20.73
C VAL B 187 9.06 1.70 21.18
N SER B 188 8.76 1.66 22.48
CA SER B 188 7.75 0.76 23.00
C SER B 188 6.41 1.23 22.47
N VAL B 189 5.43 0.32 22.39
CA VAL B 189 4.11 0.76 21.97
C VAL B 189 3.50 1.77 22.96
N HIS B 190 3.85 1.69 24.25
CA HIS B 190 3.33 2.68 25.20
C HIS B 190 3.91 4.08 24.88
N GLU B 191 5.20 4.15 24.56
CA GLU B 191 5.82 5.41 24.17
C GLU B 191 5.19 5.96 22.88
N ALA B 192 4.89 5.07 21.96
CA ALA B 192 4.23 5.42 20.69
C ALA B 192 2.81 5.97 20.94
N PHE B 193 2.08 5.38 21.87
CA PHE B 193 0.75 5.87 22.20
C PHE B 193 0.84 7.29 22.78
N GLY B 194 1.81 7.50 23.65
CA GLY B 194 2.07 8.82 24.22
C GLY B 194 2.33 9.86 23.16
N LEU B 195 3.13 9.47 22.17
CA LEU B 195 3.37 10.30 21.00
C LEU B 195 2.06 10.71 20.37
N GLY B 196 1.16 9.76 20.17
CA GLY B 196 -0.12 10.08 19.56
C GLY B 196 -0.93 11.05 20.42
N GLN B 197 -0.80 10.90 21.73
CA GLN B 197 -1.55 11.78 22.62
C GLN B 197 -1.07 13.21 22.48
N GLU B 198 0.24 13.39 22.38
CA GLU B 198 0.82 14.70 22.19
C GLU B 198 0.34 15.29 20.87
N PHE B 199 0.41 14.46 19.81
CA PHE B 199 -0.11 14.88 18.52
C PHE B 199 -1.55 15.37 18.61
N ASN B 200 -2.40 14.55 19.20
CA ASN B 200 -3.81 14.90 19.35
C ASN B 200 -4.05 16.15 20.18
N ARG B 201 -3.30 16.30 21.28
CA ARG B 201 -3.45 17.47 22.15
C ARG B 201 -3.12 18.74 21.36
N HIS B 202 -2.10 18.68 20.52
CA HIS B 202 -1.73 19.83 19.73
C HIS B 202 -2.71 20.05 18.58
N LEU B 203 -3.11 18.98 17.90
CA LEU B 203 -4.11 19.08 16.84
C LEU B 203 -5.37 19.78 17.31
N LEU B 204 -5.87 19.40 18.48
CA LEU B 204 -7.14 19.93 18.94
C LEU B 204 -7.02 21.42 19.26
N GLN B 205 -5.86 21.85 19.75
CA GLN B 205 -5.64 23.27 20.01
C GLN B 205 -5.71 24.17 18.78
N THR B 206 -5.45 23.61 17.61
CA THR B 206 -5.28 24.42 16.40
C THR B 206 -6.48 24.33 15.46
N MET B 207 -7.41 23.43 15.76
CA MET B 207 -8.64 23.36 14.99
C MET B 207 -9.51 24.55 15.31
N SER B 208 -10.07 25.17 14.26
CA SER B 208 -11.13 26.16 14.42
C SER B 208 -12.20 25.66 15.40
#